data_5Z8O
#
_entry.id   5Z8O
#
_cell.length_a   109.760
_cell.length_b   109.760
_cell.length_c   56.500
_cell.angle_alpha   90.00
_cell.angle_beta   90.00
_cell.angle_gamma   120.00
#
_symmetry.space_group_name_H-M   'P 62'
#
loop_
_entity.id
_entity.type
_entity.pdbx_description
1 polymer Cyclase/dehydrase
2 water water
#
_entity_poly.entity_id   1
_entity_poly.type   'polypeptide(L)'
_entity_poly.pdbx_seq_one_letter_code
;GHMVSKTVEVAASAETITSIVSDFEAYPQWNPEIKGCWILARYNDGRPSQLRLDVEIQGQSGVFITAVYYPAENQIFTML
QQGDHFTKQEQRFSIVPLGPDSTLLQVDLDVEVKLPVPGPMVKKLAGETLEHLAKALEGRVEQLTQS
;
_entity_poly.pdbx_strand_id   A,B
#
# COMPACT_ATOMS: atom_id res chain seq x y z
N GLY A 1 14.07 -3.09 -21.00
CA GLY A 1 14.18 -4.32 -20.24
C GLY A 1 12.78 -4.80 -19.87
N HIS A 2 12.46 -6.06 -20.13
CA HIS A 2 11.12 -6.49 -19.77
C HIS A 2 10.98 -7.98 -19.47
N MET A 3 10.12 -8.71 -20.17
CA MET A 3 9.72 -10.03 -19.66
C MET A 3 10.87 -11.02 -19.53
N VAL A 4 10.97 -11.65 -18.34
CA VAL A 4 11.85 -12.78 -18.06
C VAL A 4 11.00 -13.95 -17.54
N SER A 5 11.48 -15.17 -17.78
CA SER A 5 10.75 -16.36 -17.38
C SER A 5 11.68 -17.40 -16.77
N LYS A 6 11.15 -18.19 -15.85
CA LYS A 6 11.90 -19.28 -15.23
C LYS A 6 10.98 -20.46 -15.01
N THR A 7 11.45 -21.65 -15.38
CA THR A 7 10.78 -22.90 -15.11
C THR A 7 11.67 -23.73 -14.19
N VAL A 8 11.07 -24.28 -13.14
CA VAL A 8 11.79 -25.13 -12.19
C VAL A 8 10.90 -26.30 -11.83
N GLU A 9 11.48 -27.49 -11.76
CA GLU A 9 10.76 -28.67 -11.28
C GLU A 9 10.92 -28.75 -9.77
N VAL A 10 9.79 -28.93 -9.08
CA VAL A 10 9.75 -28.98 -7.62
C VAL A 10 9.19 -30.34 -7.21
N ALA A 11 9.76 -30.90 -6.14
CA ALA A 11 9.41 -32.25 -5.71
C ALA A 11 8.19 -32.25 -4.77
N ALA A 12 7.07 -31.80 -5.32
CA ALA A 12 5.80 -31.80 -4.59
C ALA A 12 4.67 -31.80 -5.60
N SER A 13 3.49 -32.22 -5.14
CA SER A 13 2.33 -32.28 -6.02
C SER A 13 1.90 -30.88 -6.46
N ALA A 14 1.12 -30.84 -7.54
CA ALA A 14 0.69 -29.56 -8.09
C ALA A 14 -0.19 -28.80 -7.12
N GLU A 15 -1.02 -29.51 -6.35
CA GLU A 15 -1.88 -28.83 -5.38
C GLU A 15 -1.08 -28.31 -4.20
N THR A 16 -0.02 -29.00 -3.79
CA THR A 16 0.84 -28.49 -2.74
C THR A 16 1.57 -27.22 -3.19
N ILE A 17 2.09 -27.23 -4.42
CA ILE A 17 2.79 -26.06 -4.94
C ILE A 17 1.83 -24.89 -5.11
N THR A 18 0.63 -25.16 -5.63
CA THR A 18 -0.39 -24.11 -5.75
C THR A 18 -0.73 -23.54 -4.38
N SER A 19 -0.79 -24.40 -3.36
CA SER A 19 -1.10 -23.93 -2.01
C SER A 19 0.02 -23.03 -1.48
N ILE A 20 1.27 -23.37 -1.76
CA ILE A 20 2.40 -22.55 -1.31
C ILE A 20 2.37 -21.18 -2.00
N VAL A 21 2.19 -21.18 -3.33
CA VAL A 21 2.18 -19.93 -4.07
C VAL A 21 0.99 -19.08 -3.69
N SER A 22 -0.12 -19.70 -3.26
CA SER A 22 -1.32 -18.98 -2.89
C SER A 22 -1.34 -18.50 -1.45
N ASP A 23 -0.48 -19.03 -0.58
CA ASP A 23 -0.47 -18.64 0.83
C ASP A 23 0.41 -17.41 1.00
N PHE A 24 -0.12 -16.26 0.58
CA PHE A 24 0.67 -15.04 0.49
C PHE A 24 1.20 -14.58 1.84
N GLU A 25 0.39 -14.67 2.89
CA GLU A 25 0.86 -14.21 4.19
C GLU A 25 1.91 -15.12 4.80
N ALA A 26 2.13 -16.31 4.23
CA ALA A 26 3.23 -17.17 4.66
C ALA A 26 4.50 -16.94 3.86
N TYR A 27 4.48 -16.06 2.85
CA TYR A 27 5.68 -15.75 2.07
C TYR A 27 6.88 -15.39 2.94
N PRO A 28 6.78 -14.55 3.97
CA PRO A 28 7.96 -14.21 4.76
C PRO A 28 8.59 -15.39 5.47
N GLN A 29 7.84 -16.48 5.68
CA GLN A 29 8.40 -17.63 6.37
C GLN A 29 9.48 -18.33 5.54
N TRP A 30 9.36 -18.29 4.20
CA TRP A 30 10.30 -19.01 3.37
C TRP A 30 10.93 -18.20 2.25
N ASN A 31 10.52 -16.95 2.04
CA ASN A 31 11.11 -16.15 0.98
C ASN A 31 11.92 -15.00 1.60
N PRO A 32 13.25 -15.03 1.48
CA PRO A 32 14.07 -14.01 2.16
C PRO A 32 13.82 -12.59 1.67
N GLU A 33 13.44 -12.38 0.40
CA GLU A 33 13.26 -11.02 -0.09
C GLU A 33 11.84 -10.49 0.12
N ILE A 34 10.95 -11.27 0.71
CA ILE A 34 9.65 -10.77 1.15
C ILE A 34 9.67 -10.77 2.68
N LYS A 35 9.72 -9.58 3.28
CA LYS A 35 9.80 -9.46 4.73
C LYS A 35 8.45 -9.42 5.41
N GLY A 36 7.40 -9.07 4.66
CA GLY A 36 6.07 -9.01 5.23
C GLY A 36 5.04 -9.07 4.13
N CYS A 37 3.88 -9.62 4.46
CA CYS A 37 2.79 -9.67 3.50
C CYS A 37 1.46 -9.63 4.25
N TRP A 38 0.57 -8.75 3.80
CA TRP A 38 -0.73 -8.54 4.42
C TRP A 38 -1.80 -8.62 3.33
N ILE A 39 -2.84 -9.39 3.59
CA ILE A 39 -4.00 -9.42 2.70
C ILE A 39 -4.84 -8.19 2.96
N LEU A 40 -4.97 -7.33 1.94
CA LEU A 40 -5.70 -6.09 2.07
C LEU A 40 -7.18 -6.23 1.71
N ALA A 41 -7.50 -7.12 0.78
CA ALA A 41 -8.87 -7.31 0.34
C ALA A 41 -9.01 -8.71 -0.21
N ARG A 42 -10.26 -9.20 -0.23
CA ARG A 42 -10.57 -10.53 -0.72
C ARG A 42 -11.73 -10.44 -1.69
N TYR A 43 -11.74 -11.35 -2.67
CA TYR A 43 -12.91 -11.49 -3.52
C TYR A 43 -14.08 -12.04 -2.71
N ASN A 44 -15.25 -12.11 -3.36
CA ASN A 44 -16.44 -12.58 -2.66
C ASN A 44 -16.33 -14.04 -2.24
N ASP A 45 -15.46 -14.82 -2.87
CA ASP A 45 -15.25 -16.20 -2.47
C ASP A 45 -14.15 -16.37 -1.43
N GLY A 46 -13.65 -15.26 -0.88
CA GLY A 46 -12.64 -15.30 0.16
C GLY A 46 -11.21 -15.28 -0.33
N ARG A 47 -10.96 -15.50 -1.62
CA ARG A 47 -9.60 -15.50 -2.13
C ARG A 47 -9.04 -14.08 -2.09
N PRO A 48 -7.80 -13.90 -1.64
CA PRO A 48 -7.22 -12.56 -1.56
C PRO A 48 -7.23 -11.88 -2.92
N SER A 49 -7.62 -10.60 -2.92
CA SER A 49 -7.67 -9.81 -4.14
C SER A 49 -6.67 -8.68 -4.17
N GLN A 50 -6.09 -8.32 -3.03
CA GLN A 50 -5.14 -7.22 -2.95
C GLN A 50 -4.20 -7.46 -1.79
N LEU A 51 -2.91 -7.22 -2.02
CA LEU A 51 -1.87 -7.51 -1.05
C LEU A 51 -1.02 -6.29 -0.80
N ARG A 52 -0.46 -6.21 0.40
CA ARG A 52 0.72 -5.41 0.68
C ARG A 52 1.90 -6.36 0.87
N LEU A 53 3.00 -6.08 0.17
CA LEU A 53 4.21 -6.88 0.28
C LEU A 53 5.35 -5.98 0.68
N ASP A 54 6.02 -6.30 1.79
CA ASP A 54 7.24 -5.62 2.17
C ASP A 54 8.36 -6.45 1.56
N VAL A 55 9.05 -5.86 0.59
CA VAL A 55 10.04 -6.56 -0.22
C VAL A 55 11.41 -5.92 0.00
N GLU A 56 12.44 -6.65 -0.44
CA GLU A 56 13.81 -6.16 -0.43
C GLU A 56 14.27 -6.11 -1.88
N ILE A 57 14.47 -4.89 -2.38
CA ILE A 57 14.84 -4.65 -3.77
C ILE A 57 16.34 -4.33 -3.76
N GLN A 58 17.16 -5.29 -4.18
CA GLN A 58 18.62 -5.12 -4.19
C GLN A 58 19.14 -4.67 -2.84
N GLY A 59 18.52 -5.16 -1.77
CA GLY A 59 18.91 -4.72 -0.46
C GLY A 59 18.13 -3.53 0.07
N GLN A 60 17.45 -2.76 -0.78
CA GLN A 60 16.55 -1.77 -0.21
C GLN A 60 15.23 -2.39 0.16
N SER A 61 14.67 -1.89 1.25
CA SER A 61 13.29 -2.20 1.62
C SER A 61 12.39 -1.40 0.69
N GLY A 62 11.32 -2.05 0.23
CA GLY A 62 10.33 -1.42 -0.63
C GLY A 62 8.99 -2.01 -0.30
N VAL A 63 7.94 -1.30 -0.68
CA VAL A 63 6.58 -1.71 -0.39
C VAL A 63 5.82 -1.80 -1.71
N PHE A 64 5.15 -2.93 -1.91
CA PHE A 64 4.33 -3.19 -3.10
C PHE A 64 2.87 -3.31 -2.66
N ILE A 65 2.00 -2.66 -3.40
CA ILE A 65 0.55 -2.83 -3.28
C ILE A 65 0.11 -3.52 -4.56
N THR A 66 -0.38 -4.75 -4.45
CA THR A 66 -0.53 -5.61 -5.60
C THR A 66 -1.92 -6.21 -5.68
N ALA A 67 -2.48 -6.26 -6.89
CA ALA A 67 -3.73 -6.95 -7.15
C ALA A 67 -3.46 -8.39 -7.55
N VAL A 68 -4.37 -9.28 -7.15
CA VAL A 68 -4.26 -10.70 -7.39
C VAL A 68 -5.41 -11.17 -8.27
N TYR A 69 -5.10 -11.96 -9.30
CA TYR A 69 -6.09 -12.57 -10.17
C TYR A 69 -5.82 -14.06 -10.25
N TYR A 70 -6.86 -14.81 -10.59
CA TYR A 70 -6.82 -16.27 -10.62
C TYR A 70 -7.29 -16.74 -12.00
N PRO A 71 -6.38 -16.79 -12.97
CA PRO A 71 -6.83 -17.08 -14.35
C PRO A 71 -7.39 -18.47 -14.52
N ALA A 72 -6.81 -19.46 -13.86
CA ALA A 72 -7.28 -20.84 -13.95
C ALA A 72 -6.98 -21.55 -12.64
N GLU A 73 -7.32 -22.84 -12.60
CA GLU A 73 -7.13 -23.64 -11.39
C GLU A 73 -5.71 -23.55 -10.86
N ASN A 74 -4.73 -23.89 -11.70
CA ASN A 74 -3.33 -23.90 -11.28
C ASN A 74 -2.57 -22.67 -11.81
N GLN A 75 -3.17 -21.49 -11.74
CA GLN A 75 -2.53 -20.27 -12.20
C GLN A 75 -2.85 -19.11 -11.26
N ILE A 76 -1.84 -18.28 -11.00
CA ILE A 76 -1.99 -17.05 -10.23
C ILE A 76 -1.32 -15.92 -11.00
N PHE A 77 -1.98 -14.77 -11.05
CA PHE A 77 -1.45 -13.61 -11.76
C PHE A 77 -1.55 -12.41 -10.83
N THR A 78 -0.40 -11.78 -10.53
CA THR A 78 -0.36 -10.60 -9.68
C THR A 78 0.06 -9.39 -10.51
N MET A 79 -0.51 -8.24 -10.16
CA MET A 79 -0.24 -7.00 -10.87
C MET A 79 0.04 -5.89 -9.86
N LEU A 80 1.26 -5.37 -9.87
CA LEU A 80 1.59 -4.25 -9.01
C LEU A 80 0.68 -3.06 -9.32
N GLN A 81 0.06 -2.52 -8.28
CA GLN A 81 -0.77 -1.32 -8.41
C GLN A 81 0.02 -0.05 -8.12
N GLN A 82 0.83 -0.06 -7.06
CA GLN A 82 1.72 1.04 -6.72
C GLN A 82 2.82 0.45 -5.85
N GLY A 83 4.06 0.74 -6.23
CA GLY A 83 5.17 0.22 -5.45
C GLY A 83 6.42 1.06 -5.62
N ASP A 84 7.34 0.87 -4.70
CA ASP A 84 8.66 1.48 -4.84
C ASP A 84 9.41 0.84 -6.00
N HIS A 85 10.22 1.66 -6.68
CA HIS A 85 11.17 1.23 -7.70
C HIS A 85 10.52 0.90 -9.05
N PHE A 86 9.40 0.18 -9.04
CA PHE A 86 8.80 -0.32 -10.26
C PHE A 86 7.53 0.45 -10.61
N THR A 87 7.36 0.74 -11.91
CA THR A 87 6.08 1.23 -12.43
C THR A 87 5.17 0.10 -12.87
N LYS A 88 5.72 -1.07 -13.17
CA LYS A 88 4.96 -2.21 -13.60
C LYS A 88 5.62 -3.45 -13.05
N GLN A 89 4.80 -4.39 -12.57
CA GLN A 89 5.30 -5.72 -12.23
C GLN A 89 4.11 -6.68 -12.36
N GLU A 90 4.12 -7.46 -13.43
CA GLU A 90 3.09 -8.46 -13.67
C GLU A 90 3.74 -9.83 -13.63
N GLN A 91 3.30 -10.67 -12.71
CA GLN A 91 3.93 -11.95 -12.46
C GLN A 91 2.89 -13.04 -12.56
N ARG A 92 3.17 -14.05 -13.38
CA ARG A 92 2.24 -15.15 -13.61
C ARG A 92 2.88 -16.44 -13.12
N PHE A 93 2.18 -17.16 -12.25
CA PHE A 93 2.59 -18.49 -11.83
C PHE A 93 1.72 -19.49 -12.55
N SER A 94 2.36 -20.47 -13.19
CA SER A 94 1.66 -21.57 -13.83
C SER A 94 2.19 -22.86 -13.24
N ILE A 95 1.30 -23.65 -12.65
CA ILE A 95 1.65 -24.86 -11.95
C ILE A 95 1.21 -26.01 -12.84
N VAL A 96 2.17 -26.74 -13.38
CA VAL A 96 1.90 -27.79 -14.35
C VAL A 96 2.27 -29.12 -13.69
N PRO A 97 1.32 -30.03 -13.52
CA PRO A 97 1.65 -31.33 -12.91
C PRO A 97 2.58 -32.13 -13.80
N LEU A 98 3.58 -32.73 -13.19
CA LEU A 98 4.43 -33.69 -13.89
C LEU A 98 3.97 -35.08 -13.49
N GLY A 99 4.51 -35.59 -12.40
CA GLY A 99 4.07 -36.85 -11.84
C GLY A 99 3.16 -36.59 -10.65
N PRO A 100 2.87 -37.63 -9.87
CA PRO A 100 2.01 -37.45 -8.70
C PRO A 100 2.62 -36.53 -7.65
N ASP A 101 3.94 -36.54 -7.51
CA ASP A 101 4.63 -35.75 -6.48
C ASP A 101 5.69 -34.82 -7.07
N SER A 102 5.58 -34.51 -8.36
CA SER A 102 6.53 -33.61 -9.02
C SER A 102 5.77 -32.61 -9.86
N THR A 103 6.26 -31.38 -9.90
CA THR A 103 5.54 -30.29 -10.53
C THR A 103 6.51 -29.37 -11.24
N LEU A 104 6.09 -28.85 -12.39
CA LEU A 104 6.78 -27.75 -13.04
C LEU A 104 6.11 -26.44 -12.63
N LEU A 105 6.87 -25.55 -12.01
CA LEU A 105 6.41 -24.20 -11.74
C LEU A 105 7.02 -23.30 -12.80
N GLN A 106 6.16 -22.64 -13.58
CA GLN A 106 6.58 -21.72 -14.61
C GLN A 106 6.20 -20.32 -14.18
N VAL A 107 7.19 -19.43 -14.08
CA VAL A 107 6.98 -18.07 -13.60
C VAL A 107 7.38 -17.09 -14.70
N ASP A 108 6.46 -16.21 -15.05
CA ASP A 108 6.76 -15.09 -15.95
C ASP A 108 6.78 -13.83 -15.11
N LEU A 109 7.76 -12.96 -15.34
CA LEU A 109 7.85 -11.74 -14.55
C LEU A 109 7.99 -10.58 -15.52
N ASP A 110 7.08 -9.62 -15.41
CA ASP A 110 6.98 -8.57 -16.41
C ASP A 110 7.12 -7.22 -15.74
N VAL A 111 8.28 -6.57 -15.89
CA VAL A 111 8.53 -5.37 -15.11
C VAL A 111 8.94 -4.16 -15.95
N GLU A 112 8.65 -3.00 -15.38
CA GLU A 112 9.09 -1.69 -15.84
C GLU A 112 9.55 -0.90 -14.62
N VAL A 113 10.69 -0.22 -14.74
CA VAL A 113 11.27 0.52 -13.62
C VAL A 113 11.06 2.03 -13.79
N LYS A 114 11.04 2.73 -12.64
CA LYS A 114 10.82 4.17 -12.65
C LYS A 114 12.05 4.91 -13.18
N LEU A 115 13.23 4.58 -12.67
CA LEU A 115 14.45 5.20 -13.16
C LEU A 115 14.80 4.65 -14.54
N PRO A 116 15.46 5.45 -15.38
CA PRO A 116 15.82 4.97 -16.72
C PRO A 116 16.98 3.99 -16.72
N VAL A 117 16.79 2.84 -16.09
CA VAL A 117 17.80 1.78 -16.06
C VAL A 117 17.86 1.06 -17.40
N PRO A 118 19.07 0.78 -17.91
CA PRO A 118 19.18 0.11 -19.21
C PRO A 118 18.45 -1.23 -19.24
N GLY A 119 17.95 -1.56 -20.43
CA GLY A 119 17.19 -2.76 -20.67
C GLY A 119 17.80 -4.06 -20.18
N PRO A 120 19.02 -4.38 -20.64
CA PRO A 120 19.64 -5.64 -20.19
C PRO A 120 19.78 -5.73 -18.67
N MET A 121 20.01 -4.61 -17.99
CA MET A 121 20.17 -4.66 -16.54
C MET A 121 18.84 -4.91 -15.85
N VAL A 122 17.75 -4.36 -16.37
CA VAL A 122 16.43 -4.64 -15.81
C VAL A 122 16.11 -6.12 -15.91
N LYS A 123 16.38 -6.71 -17.08
CA LYS A 123 16.06 -8.12 -17.25
C LYS A 123 16.98 -9.01 -16.42
N LYS A 124 18.24 -8.59 -16.24
CA LYS A 124 19.15 -9.34 -15.39
C LYS A 124 18.67 -9.37 -13.95
N LEU A 125 18.21 -8.22 -13.44
CA LEU A 125 17.75 -8.16 -12.06
C LEU A 125 16.44 -8.92 -11.87
N ALA A 126 15.55 -8.85 -12.85
CA ALA A 126 14.32 -9.64 -12.79
C ALA A 126 14.62 -11.13 -12.87
N GLY A 127 15.58 -11.51 -13.71
CA GLY A 127 15.97 -12.91 -13.77
C GLY A 127 16.58 -13.39 -12.47
N GLU A 128 17.37 -12.54 -11.82
CA GLU A 128 17.93 -12.90 -10.52
C GLU A 128 16.82 -13.09 -9.49
N THR A 129 15.78 -12.25 -9.55
CA THR A 129 14.65 -12.40 -8.64
C THR A 129 13.98 -13.76 -8.82
N LEU A 130 13.79 -14.19 -10.07
CA LEU A 130 13.19 -15.49 -10.32
C LEU A 130 14.11 -16.62 -9.90
N GLU A 131 15.43 -16.45 -10.11
CA GLU A 131 16.39 -17.45 -9.67
C GLU A 131 16.31 -17.63 -8.16
N HIS A 132 16.19 -16.54 -7.40
CA HIS A 132 16.14 -16.65 -5.95
C HIS A 132 14.79 -17.20 -5.50
N LEU A 133 13.71 -16.76 -6.16
CA LEU A 133 12.38 -17.28 -5.85
C LEU A 133 12.33 -18.79 -5.99
N ALA A 134 12.90 -19.32 -7.07
CA ALA A 134 12.90 -20.77 -7.29
C ALA A 134 13.68 -21.49 -6.19
N LYS A 135 14.84 -20.95 -5.81
CA LYS A 135 15.61 -21.59 -4.75
C LYS A 135 14.89 -21.50 -3.41
N ALA A 136 14.22 -20.38 -3.14
CA ALA A 136 13.44 -20.26 -1.92
C ALA A 136 12.27 -21.24 -1.91
N LEU A 137 11.63 -21.44 -3.06
CA LEU A 137 10.52 -22.39 -3.14
C LEU A 137 10.99 -23.82 -2.91
N GLU A 138 12.14 -24.18 -3.50
CA GLU A 138 12.74 -25.49 -3.24
C GLU A 138 12.92 -25.73 -1.75
N GLY A 139 13.43 -24.73 -1.02
CA GLY A 139 13.58 -24.89 0.41
C GLY A 139 12.26 -25.07 1.14
N ARG A 140 11.23 -24.31 0.74
CA ARG A 140 9.92 -24.44 1.37
C ARG A 140 9.32 -25.82 1.13
N VAL A 141 9.55 -26.39 -0.05
CA VAL A 141 9.04 -27.73 -0.34
C VAL A 141 9.70 -28.78 0.54
N GLU A 142 11.03 -28.72 0.65
CA GLU A 142 11.74 -29.68 1.50
C GLU A 142 11.33 -29.55 2.95
N GLN A 143 11.03 -28.33 3.40
CA GLN A 143 10.63 -28.13 4.80
C GLN A 143 9.28 -28.80 5.08
N LEU A 144 8.37 -28.80 4.10
CA LEU A 144 7.05 -29.37 4.30
C LEU A 144 6.98 -30.85 3.96
N THR A 145 7.98 -31.38 3.26
CA THR A 145 8.03 -32.80 2.94
C THR A 145 8.96 -33.54 3.89
N GLY B 1 -6.31 5.82 23.41
CA GLY B 1 -6.50 6.15 22.02
C GLY B 1 -7.81 6.86 21.75
N HIS B 2 -8.35 7.50 22.78
CA HIS B 2 -9.61 8.22 22.67
C HIS B 2 -9.49 9.32 21.61
N MET B 3 -10.64 9.66 21.01
CA MET B 3 -10.66 10.55 19.86
C MET B 3 -10.12 11.92 20.22
N VAL B 4 -9.33 12.50 19.33
CA VAL B 4 -8.85 13.86 19.48
C VAL B 4 -9.46 14.70 18.37
N SER B 5 -9.71 15.97 18.67
CA SER B 5 -10.39 16.85 17.73
C SER B 5 -9.70 18.20 17.69
N LYS B 6 -9.77 18.84 16.52
CA LYS B 6 -9.23 20.16 16.32
C LYS B 6 -10.15 20.97 15.41
N THR B 7 -10.47 22.18 15.83
CA THR B 7 -11.22 23.12 15.00
C THR B 7 -10.33 24.33 14.73
N VAL B 8 -10.27 24.76 13.47
CA VAL B 8 -9.46 25.91 13.09
C VAL B 8 -10.23 26.75 12.08
N GLU B 9 -10.16 28.07 12.24
CA GLU B 9 -10.70 29.00 11.26
C GLU B 9 -9.63 29.27 10.22
N VAL B 10 -9.99 29.13 8.94
CA VAL B 10 -9.04 29.28 7.85
C VAL B 10 -9.51 30.40 6.93
N ALA B 11 -8.57 31.21 6.47
CA ALA B 11 -8.87 32.37 5.64
C ALA B 11 -8.93 31.99 4.16
N ALA B 12 -9.87 31.10 3.85
CA ALA B 12 -10.09 30.67 2.48
C ALA B 12 -11.52 30.15 2.35
N SER B 13 -12.02 30.15 1.13
CA SER B 13 -13.37 29.68 0.86
C SER B 13 -13.46 28.17 1.08
N ALA B 14 -14.70 27.69 1.23
CA ALA B 14 -14.93 26.26 1.43
C ALA B 14 -14.50 25.47 0.20
N GLU B 15 -14.63 26.06 -0.99
CA GLU B 15 -14.22 25.37 -2.20
C GLU B 15 -12.70 25.23 -2.27
N THR B 16 -11.98 26.22 -1.77
CA THR B 16 -10.51 26.13 -1.72
C THR B 16 -10.06 25.07 -0.73
N ILE B 17 -10.66 25.06 0.47
CA ILE B 17 -10.27 24.07 1.48
C ILE B 17 -10.66 22.67 1.04
N THR B 18 -11.85 22.52 0.47
CA THR B 18 -12.28 21.22 -0.04
C THR B 18 -11.33 20.71 -1.13
N SER B 19 -10.86 21.61 -2.00
CA SER B 19 -9.94 21.19 -3.05
C SER B 19 -8.58 20.78 -2.48
N ILE B 20 -8.11 21.49 -1.46
CA ILE B 20 -6.82 21.16 -0.88
C ILE B 20 -6.88 19.81 -0.17
N VAL B 21 -7.89 19.63 0.69
CA VAL B 21 -8.02 18.39 1.46
C VAL B 21 -8.33 17.21 0.54
N SER B 22 -9.07 17.43 -0.55
CA SER B 22 -9.42 16.34 -1.45
C SER B 22 -8.30 15.98 -2.42
N ASP B 23 -7.35 16.89 -2.63
CA ASP B 23 -6.23 16.66 -3.55
C ASP B 23 -5.17 15.81 -2.84
N PHE B 24 -5.48 14.52 -2.71
CA PHE B 24 -4.65 13.64 -1.90
C PHE B 24 -3.24 13.52 -2.47
N GLU B 25 -3.12 13.42 -3.80
CA GLU B 25 -1.80 13.25 -4.38
C GLU B 25 -0.94 14.50 -4.30
N ALA B 26 -1.51 15.65 -3.95
CA ALA B 26 -0.73 16.86 -3.72
C ALA B 26 -0.29 17.01 -2.27
N TYR B 27 -0.72 16.11 -1.38
CA TYR B 27 -0.30 16.18 0.02
C TYR B 27 1.21 16.31 0.21
N PRO B 28 2.07 15.57 -0.48
CA PRO B 28 3.51 15.70 -0.22
C PRO B 28 4.07 17.09 -0.50
N GLN B 29 3.40 17.89 -1.33
CA GLN B 29 3.92 19.22 -1.66
C GLN B 29 3.90 20.18 -0.47
N TRP B 30 2.98 19.98 0.47
CA TRP B 30 2.83 20.90 1.59
C TRP B 30 2.93 20.23 2.95
N ASN B 31 3.15 18.92 3.00
CA ASN B 31 3.43 18.20 4.24
C ASN B 31 4.84 17.65 4.19
N PRO B 32 5.78 18.17 5.00
CA PRO B 32 7.18 17.72 4.87
C PRO B 32 7.40 16.24 5.18
N GLU B 33 6.61 15.64 6.05
CA GLU B 33 6.79 14.26 6.47
C GLU B 33 6.06 13.27 5.57
N ILE B 34 5.32 13.74 4.58
CA ILE B 34 4.63 12.89 3.63
C ILE B 34 5.42 12.91 2.34
N LYS B 35 6.00 11.75 1.99
CA LYS B 35 6.85 11.67 0.81
C LYS B 35 6.08 11.28 -0.45
N GLY B 36 4.92 10.62 -0.31
CA GLY B 36 4.15 10.24 -1.46
C GLY B 36 2.73 9.92 -1.07
N CYS B 37 1.81 10.12 -2.02
CA CYS B 37 0.43 9.72 -1.82
C CYS B 37 -0.13 9.35 -3.18
N TRP B 38 -0.72 8.15 -3.27
CA TRP B 38 -1.19 7.63 -4.54
C TRP B 38 -2.62 7.14 -4.40
N ILE B 39 -3.46 7.50 -5.37
CA ILE B 39 -4.82 7.00 -5.45
C ILE B 39 -4.77 5.56 -5.97
N LEU B 40 -5.25 4.62 -5.17
CA LEU B 40 -5.23 3.21 -5.54
C LEU B 40 -6.52 2.76 -6.23
N ALA B 41 -7.66 3.34 -5.87
CA ALA B 41 -8.94 2.98 -6.43
C ALA B 41 -9.89 4.17 -6.33
N ARG B 42 -10.94 4.14 -7.15
CA ARG B 42 -11.91 5.21 -7.21
C ARG B 42 -13.31 4.64 -7.13
N TYR B 43 -14.23 5.44 -6.57
CA TYR B 43 -15.64 5.11 -6.69
C TYR B 43 -16.09 5.29 -8.14
N ASN B 44 -17.35 4.91 -8.40
CA ASN B 44 -17.87 4.98 -9.75
C ASN B 44 -17.95 6.40 -10.28
N ASP B 45 -17.99 7.41 -9.39
CA ASP B 45 -17.99 8.80 -9.80
C ASP B 45 -16.58 9.39 -9.91
N GLY B 46 -15.55 8.57 -9.80
CA GLY B 46 -14.18 9.05 -9.93
C GLY B 46 -13.52 9.50 -8.65
N ARG B 47 -14.28 9.71 -7.59
CA ARG B 47 -13.67 10.14 -6.33
C ARG B 47 -12.83 9.01 -5.75
N PRO B 48 -11.62 9.30 -5.29
CA PRO B 48 -10.76 8.23 -4.76
C PRO B 48 -11.42 7.48 -3.62
N SER B 49 -11.27 6.16 -3.64
CA SER B 49 -11.81 5.29 -2.61
C SER B 49 -10.74 4.60 -1.78
N GLN B 50 -9.49 4.61 -2.22
CA GLN B 50 -8.39 3.97 -1.50
C GLN B 50 -7.09 4.68 -1.82
N LEU B 51 -6.27 4.91 -0.80
CA LEU B 51 -5.01 5.63 -0.95
C LEU B 51 -3.85 4.82 -0.37
N ARG B 52 -2.67 5.06 -0.94
CA ARG B 52 -1.42 4.72 -0.28
C ARG B 52 -0.74 6.01 0.16
N LEU B 53 -0.32 6.06 1.43
CA LEU B 53 0.37 7.22 2.00
C LEU B 53 1.72 6.76 2.52
N ASP B 54 2.79 7.35 2.00
CA ASP B 54 4.15 7.13 2.47
C ASP B 54 4.62 8.27 3.35
N VAL B 55 4.99 7.96 4.59
CA VAL B 55 5.48 8.96 5.54
C VAL B 55 6.93 8.63 5.84
N GLU B 56 7.74 9.66 6.09
CA GLU B 56 9.12 9.48 6.49
C GLU B 56 9.41 10.30 7.74
N ILE B 57 9.95 9.66 8.76
CA ILE B 57 10.31 10.32 10.02
C ILE B 57 11.70 9.86 10.43
N GLN B 58 12.63 10.81 10.53
CA GLN B 58 14.04 10.50 10.81
C GLN B 58 14.61 9.54 9.79
N GLY B 59 14.24 9.73 8.52
CA GLY B 59 14.66 8.84 7.47
C GLY B 59 13.98 7.48 7.48
N GLN B 60 13.10 7.21 8.43
CA GLN B 60 12.41 5.93 8.49
C GLN B 60 11.07 6.05 7.79
N SER B 61 10.84 5.15 6.84
CA SER B 61 9.64 5.15 6.03
C SER B 61 8.49 4.42 6.72
N GLY B 62 7.28 4.90 6.48
CA GLY B 62 6.09 4.20 6.90
C GLY B 62 5.05 4.31 5.81
N VAL B 63 4.25 3.26 5.67
CA VAL B 63 3.30 3.14 4.58
C VAL B 63 1.92 2.86 5.15
N PHE B 64 0.93 3.64 4.72
CA PHE B 64 -0.44 3.50 5.18
C PHE B 64 -1.35 3.27 3.98
N ILE B 65 -2.22 2.26 4.08
CA ILE B 65 -3.25 1.99 3.08
C ILE B 65 -4.60 2.28 3.71
N THR B 66 -5.31 3.26 3.17
CA THR B 66 -6.50 3.81 3.82
C THR B 66 -7.66 3.85 2.83
N ALA B 67 -8.85 3.53 3.33
CA ALA B 67 -10.08 3.71 2.58
C ALA B 67 -10.63 5.11 2.79
N VAL B 68 -11.25 5.65 1.74
CA VAL B 68 -11.79 7.01 1.75
C VAL B 68 -13.29 6.92 1.58
N TYR B 69 -14.01 7.66 2.41
CA TYR B 69 -15.46 7.73 2.34
C TYR B 69 -15.90 9.19 2.31
N TYR B 70 -17.10 9.41 1.80
CA TYR B 70 -17.67 10.74 1.69
C TYR B 70 -19.05 10.66 2.36
N PRO B 71 -19.08 10.66 3.69
CA PRO B 71 -20.35 10.42 4.40
C PRO B 71 -21.37 11.52 4.20
N ALA B 72 -20.93 12.77 4.01
CA ALA B 72 -21.82 13.90 3.81
C ALA B 72 -21.16 14.84 2.81
N GLU B 73 -21.95 15.77 2.29
CA GLU B 73 -21.48 16.61 1.17
C GLU B 73 -20.26 17.44 1.55
N ASN B 74 -20.09 17.74 2.83
CA ASN B 74 -18.98 18.56 3.30
C ASN B 74 -17.95 17.77 4.07
N GLN B 75 -17.97 16.45 3.99
CA GLN B 75 -17.18 15.58 4.86
C GLN B 75 -16.33 14.63 4.06
N ILE B 76 -15.12 14.39 4.56
CA ILE B 76 -14.23 13.34 4.07
C ILE B 76 -13.81 12.53 5.29
N PHE B 77 -13.93 11.21 5.19
CA PHE B 77 -13.64 10.31 6.29
C PHE B 77 -12.74 9.20 5.79
N THR B 78 -11.56 9.07 6.41
CA THR B 78 -10.59 8.06 6.03
C THR B 78 -10.45 7.02 7.14
N MET B 79 -10.27 5.77 6.74
CA MET B 79 -10.13 4.66 7.67
C MET B 79 -8.95 3.82 7.23
N LEU B 80 -7.92 3.76 8.07
CA LEU B 80 -6.76 2.92 7.78
C LEU B 80 -7.18 1.47 7.63
N GLN B 81 -6.76 0.85 6.53
CA GLN B 81 -6.99 -0.57 6.35
C GLN B 81 -5.81 -1.39 6.85
N GLN B 82 -4.59 -0.95 6.56
CA GLN B 82 -3.39 -1.58 7.08
C GLN B 82 -2.28 -0.55 7.01
N GLY B 83 -1.51 -0.43 8.08
CA GLY B 83 -0.40 0.50 8.08
C GLY B 83 0.64 0.09 9.10
N ASP B 84 1.84 0.65 8.94
CA ASP B 84 2.87 0.48 9.95
C ASP B 84 2.43 1.18 11.24
N HIS B 85 2.72 0.53 12.38
CA HIS B 85 2.61 1.12 13.71
C HIS B 85 1.17 1.25 14.22
N PHE B 86 0.18 1.30 13.32
CA PHE B 86 -1.20 1.56 13.73
C PHE B 86 -2.09 0.37 13.42
N THR B 87 -2.98 0.05 14.36
CA THR B 87 -4.08 -0.87 14.09
C THR B 87 -5.35 -0.16 13.67
N LYS B 88 -5.52 1.11 14.03
CA LYS B 88 -6.69 1.89 13.69
C LYS B 88 -6.26 3.33 13.47
N GLN B 89 -6.82 3.96 12.43
CA GLN B 89 -6.68 5.40 12.26
C GLN B 89 -7.89 5.89 11.46
N GLU B 90 -8.81 6.55 12.15
CA GLU B 90 -10.02 7.08 11.52
C GLU B 90 -10.00 8.60 11.65
N GLN B 91 -10.03 9.29 10.51
CA GLN B 91 -9.91 10.75 10.48
C GLN B 91 -11.05 11.34 9.65
N ARG B 92 -11.75 12.31 10.23
CA ARG B 92 -12.89 12.95 9.58
C ARG B 92 -12.62 14.44 9.42
N PHE B 93 -12.74 14.94 8.20
CA PHE B 93 -12.67 16.37 7.90
C PHE B 93 -14.07 16.89 7.59
N SER B 94 -14.47 17.98 8.26
CA SER B 94 -15.74 18.64 8.01
C SER B 94 -15.47 20.12 7.70
N ILE B 95 -15.96 20.57 6.54
CA ILE B 95 -15.70 21.92 6.03
C ILE B 95 -17.00 22.71 6.05
N VAL B 96 -17.08 23.73 6.90
CA VAL B 96 -18.27 24.56 7.05
C VAL B 96 -17.92 26.00 6.72
N PRO B 97 -18.60 26.65 5.76
CA PRO B 97 -18.34 28.06 5.48
C PRO B 97 -18.72 28.95 6.66
N LEU B 98 -17.88 29.94 6.93
CA LEU B 98 -18.15 30.91 7.97
C LEU B 98 -18.69 32.23 7.42
N GLY B 99 -17.78 33.11 7.00
CA GLY B 99 -18.16 34.37 6.40
C GLY B 99 -18.05 34.30 4.89
N PRO B 100 -18.03 35.47 4.24
CA PRO B 100 -17.90 35.48 2.77
C PRO B 100 -16.59 34.90 2.27
N ASP B 101 -15.57 34.79 3.12
CA ASP B 101 -14.24 34.39 2.65
C ASP B 101 -13.48 33.46 3.60
N SER B 102 -14.06 33.08 4.73
CA SER B 102 -13.39 32.19 5.67
C SER B 102 -14.27 30.98 5.96
N THR B 103 -13.64 29.91 6.43
CA THR B 103 -14.34 28.66 6.69
C THR B 103 -13.81 28.00 7.95
N LEU B 104 -14.65 27.14 8.53
CA LEU B 104 -14.32 26.36 9.71
C LEU B 104 -13.95 24.95 9.29
N LEU B 105 -12.74 24.51 9.65
CA LEU B 105 -12.31 23.13 9.44
C LEU B 105 -12.39 22.36 10.75
N GLN B 106 -13.15 21.28 10.76
CA GLN B 106 -13.29 20.40 11.92
C GLN B 106 -12.63 19.06 11.59
N VAL B 107 -11.63 18.68 12.38
CA VAL B 107 -10.89 17.44 12.16
C VAL B 107 -11.01 16.58 13.43
N ASP B 108 -11.50 15.36 13.27
CA ASP B 108 -11.48 14.36 14.34
C ASP B 108 -10.51 13.25 13.96
N LEU B 109 -9.71 12.81 14.93
CA LEU B 109 -8.73 11.75 14.69
C LEU B 109 -8.80 10.73 15.81
N ASP B 110 -9.04 9.48 15.44
CA ASP B 110 -9.21 8.36 16.38
C ASP B 110 -8.22 7.28 15.99
N VAL B 111 -7.18 7.09 16.79
CA VAL B 111 -6.10 6.18 16.44
C VAL B 111 -5.90 5.12 17.51
N GLU B 112 -5.33 3.99 17.09
CA GLU B 112 -4.90 2.89 17.92
C GLU B 112 -3.49 2.55 17.44
N VAL B 113 -2.54 2.38 18.35
CA VAL B 113 -1.18 2.03 17.97
C VAL B 113 -0.93 0.57 18.31
N LYS B 114 -0.02 -0.05 17.57
CA LYS B 114 0.24 -1.49 17.77
C LYS B 114 0.92 -1.76 19.10
N LEU B 115 1.96 -0.99 19.43
CA LEU B 115 2.62 -1.19 20.71
C LEU B 115 1.73 -0.73 21.85
N PRO B 116 1.88 -1.32 23.03
CA PRO B 116 1.02 -0.93 24.17
C PRO B 116 1.38 0.43 24.74
N VAL B 117 1.27 1.48 23.93
CA VAL B 117 1.50 2.83 24.41
C VAL B 117 0.28 3.24 25.22
N PRO B 118 0.46 3.86 26.39
CA PRO B 118 -0.69 4.26 27.20
C PRO B 118 -1.60 5.23 26.45
N GLY B 119 -2.88 5.15 26.77
CA GLY B 119 -3.91 5.97 26.16
C GLY B 119 -3.61 7.46 26.16
N PRO B 120 -3.34 8.03 27.34
CA PRO B 120 -3.03 9.46 27.39
C PRO B 120 -1.86 9.87 26.50
N MET B 121 -0.87 9.00 26.35
CA MET B 121 0.29 9.34 25.51
C MET B 121 -0.07 9.27 24.03
N VAL B 122 -0.90 8.30 23.64
CA VAL B 122 -1.36 8.23 22.25
C VAL B 122 -2.14 9.48 21.88
N LYS B 123 -3.04 9.92 22.76
CA LYS B 123 -3.85 11.08 22.41
C LYS B 123 -3.02 12.36 22.38
N LYS B 124 -1.98 12.44 23.21
CA LYS B 124 -1.08 13.59 23.13
C LYS B 124 -0.38 13.64 21.77
N LEU B 125 0.09 12.49 21.29
CA LEU B 125 0.79 12.47 20.00
C LEU B 125 -0.18 12.75 18.85
N ALA B 126 -1.40 12.23 18.94
CA ALA B 126 -2.40 12.51 17.92
C ALA B 126 -2.79 13.98 17.91
N GLY B 127 -2.90 14.59 19.09
CA GLY B 127 -3.19 16.01 19.15
C GLY B 127 -2.09 16.84 18.53
N GLU B 128 -0.83 16.41 18.71
CA GLU B 128 0.28 17.11 18.08
C GLU B 128 0.24 16.94 16.56
N THR B 129 -0.17 15.78 16.07
CA THR B 129 -0.29 15.59 14.64
C THR B 129 -1.30 16.57 14.03
N LEU B 130 -2.43 16.81 14.72
CA LEU B 130 -3.46 17.70 14.19
C LEU B 130 -3.03 19.18 14.17
N GLU B 131 -2.35 19.66 15.22
CA GLU B 131 -1.81 21.02 15.21
C GLU B 131 -0.93 21.19 13.99
N HIS B 132 -0.26 20.11 13.65
CA HIS B 132 0.88 20.04 12.77
C HIS B 132 0.37 20.12 11.34
N LEU B 133 -0.67 19.33 11.07
CA LEU B 133 -1.50 19.42 9.87
C LEU B 133 -2.20 20.77 9.74
N ALA B 134 -2.73 21.29 10.85
CA ALA B 134 -3.41 22.58 10.82
C ALA B 134 -2.45 23.69 10.41
N LYS B 135 -1.26 23.72 11.01
CA LYS B 135 -0.25 24.68 10.59
C LYS B 135 0.16 24.46 9.13
N ALA B 136 0.31 23.19 8.73
CA ALA B 136 0.68 22.91 7.35
C ALA B 136 -0.41 23.34 6.38
N LEU B 137 -1.67 23.11 6.74
CA LEU B 137 -2.77 23.55 5.88
C LEU B 137 -2.81 25.07 5.79
N GLU B 138 -2.59 25.76 6.91
CA GLU B 138 -2.47 27.22 6.90
C GLU B 138 -1.44 27.68 5.88
N GLY B 139 -0.27 27.04 5.87
CA GLY B 139 0.76 27.40 4.90
C GLY B 139 0.31 27.14 3.47
N ARG B 140 -0.35 26.00 3.24
CA ARG B 140 -0.84 25.69 1.90
C ARG B 140 -1.92 26.69 1.45
N VAL B 141 -2.75 27.16 2.38
CA VAL B 141 -3.76 28.13 2.05
C VAL B 141 -3.12 29.45 1.64
N GLU B 142 -2.16 29.94 2.43
CA GLU B 142 -1.45 31.17 2.09
C GLU B 142 -0.71 31.03 0.77
N GLN B 143 -0.15 29.84 0.50
CA GLN B 143 0.56 29.64 -0.75
C GLN B 143 -0.39 29.66 -1.95
N LEU B 144 -1.61 29.14 -1.78
CA LEU B 144 -2.56 29.04 -2.88
C LEU B 144 -3.48 30.24 -3.02
N THR B 145 -3.52 31.16 -2.05
CA THR B 145 -4.41 32.30 -2.17
C THR B 145 -3.69 33.50 -2.77
N GLN B 146 -4.48 34.34 -3.45
CA GLN B 146 -3.99 35.48 -4.22
C GLN B 146 -2.93 36.31 -3.49
#